data_7D2Q
#
_entry.id   7D2Q
#
_cell.length_a   45.486
_cell.length_b   74.083
_cell.length_c   136.852
_cell.angle_alpha   90.000
_cell.angle_beta   90.000
_cell.angle_gamma   90.000
#
_symmetry.space_group_name_H-M   'P 21 21 21'
#
loop_
_entity.id
_entity.type
_entity.pdbx_description
1 polymer 'Endoribonuclease MazF'
2 polymer 'AbrB/MazE/SpoVT family DNA-binding domain-containing protein'
3 water water
#
loop_
_entity_poly.entity_id
_entity_poly.type
_entity_poly.pdbx_seq_one_letter_code
_entity_poly.pdbx_strand_id
1 'polypeptide(L)'
;MVSDYVPDAGHLVWLNFTPQAGHEQGGRRPALVLSPAAYNGVTGLMQACPVTSRAKGYPFEVTLPAHLGVSGVVLADHCR
SLDWRSRRAEQLAEAPADVLAEVRGKLGSLLGMSEKA
;
A,C,E,G
2 'polypeptide(L)' MTSQIQKWGNSLALRIPKALAQQVGLTQSSEVELLLQDGQIVIRPVPARQYDLAALLAEMTPENLHGETDWGALEGREEW D,F
#
# COMPACT_ATOMS: atom_id res chain seq x y z
N SER A 3 -14.84 7.83 6.52
CA SER A 3 -14.36 7.74 5.14
C SER A 3 -12.95 8.33 5.03
N ASP A 4 -12.82 9.60 5.38
CA ASP A 4 -11.54 10.30 5.32
C ASP A 4 -10.59 9.93 6.45
N TYR A 5 -11.08 9.27 7.49
CA TYR A 5 -10.36 9.18 8.75
C TYR A 5 -9.06 8.39 8.61
N VAL A 6 -7.96 8.95 9.10
CA VAL A 6 -6.70 8.24 9.28
C VAL A 6 -6.34 8.31 10.77
N PRO A 7 -6.18 7.19 11.47
CA PRO A 7 -5.79 7.26 12.88
C PRO A 7 -4.43 7.94 13.09
N ASP A 8 -4.35 8.74 14.17
CA ASP A 8 -3.11 9.39 14.55
C ASP A 8 -2.68 8.91 15.94
N ALA A 9 -1.39 9.10 16.24
CA ALA A 9 -0.84 8.69 17.52
C ALA A 9 -1.60 9.36 18.66
N GLY A 10 -2.00 8.57 19.64
CA GLY A 10 -2.73 9.11 20.76
C GLY A 10 -4.24 9.09 20.62
N HIS A 11 -4.76 8.78 19.44
CA HIS A 11 -6.21 8.60 19.30
C HIS A 11 -6.62 7.31 19.97
N LEU A 12 -7.78 7.32 20.59
CA LEU A 12 -8.51 6.10 20.90
C LEU A 12 -9.47 5.84 19.76
N VAL A 13 -9.54 4.58 19.33
CA VAL A 13 -10.32 4.24 18.15
C VAL A 13 -11.16 3.02 18.47
N TRP A 14 -12.28 2.88 17.78
CA TRP A 14 -13.00 1.62 17.74
C TRP A 14 -12.44 0.79 16.59
N LEU A 15 -12.30 -0.51 16.82
CA LEU A 15 -11.90 -1.46 15.78
C LEU A 15 -12.79 -2.68 15.84
N ASN A 16 -13.08 -3.26 14.67
CA ASN A 16 -13.78 -4.53 14.62
C ASN A 16 -12.88 -5.69 15.00
N PHE A 17 -13.49 -6.75 15.52
CA PHE A 17 -12.95 -8.10 15.47
C PHE A 17 -14.08 -9.06 15.79
N ARG A 29 -12.69 -3.90 21.54
CA ARG A 29 -12.91 -3.01 20.42
C ARG A 29 -12.26 -1.61 20.51
N PRO A 30 -12.06 -1.04 21.70
CA PRO A 30 -11.27 0.19 21.78
C PRO A 30 -9.77 -0.08 21.80
N ALA A 31 -9.01 0.84 21.19
CA ALA A 31 -7.56 0.70 21.13
C ALA A 31 -6.92 2.07 21.15
N LEU A 32 -5.72 2.15 21.72
CA LEU A 32 -4.89 3.36 21.67
C LEU A 32 -3.88 3.22 20.54
N VAL A 33 -3.82 4.22 19.66
CA VAL A 33 -2.89 4.21 18.53
C VAL A 33 -1.57 4.82 18.95
N LEU A 34 -0.48 4.10 18.67
CA LEU A 34 0.89 4.55 18.96
C LEU A 34 1.59 5.17 17.77
N SER A 35 1.40 4.60 16.55
CA SER A 35 2.12 5.06 15.37
C SER A 35 1.44 6.31 14.81
N PRO A 36 2.20 7.18 14.14
CA PRO A 36 1.64 8.43 13.63
C PRO A 36 0.88 8.24 12.32
N ALA A 37 0.04 9.24 12.01
CA ALA A 37 -0.79 9.16 10.83
C ALA A 37 0.04 9.08 9.56
N ALA A 38 1.22 9.69 9.57
CA ALA A 38 2.10 9.65 8.41
C ALA A 38 2.49 8.21 8.06
N TYR A 39 2.60 7.34 9.07
CA TYR A 39 2.77 5.91 8.80
C TYR A 39 1.43 5.24 8.51
N ASN A 40 0.42 5.54 9.35
CA ASN A 40 -0.82 4.78 9.33
C ASN A 40 -1.56 4.95 8.00
N GLY A 41 -1.59 6.16 7.47
CA GLY A 41 -2.33 6.40 6.23
C GLY A 41 -1.66 5.79 5.01
N VAL A 42 -0.33 5.73 5.01
CA VAL A 42 0.39 5.15 3.89
C VAL A 42 0.23 3.64 3.86
N THR A 43 0.47 2.99 5.00
CA THR A 43 0.51 1.53 5.04
C THR A 43 -0.87 0.89 5.22
N GLY A 44 -1.85 1.62 5.76
CA GLY A 44 -3.08 0.97 6.19
C GLY A 44 -2.93 0.14 7.45
N LEU A 45 -1.75 0.16 8.05
CA LEU A 45 -1.43 -0.53 9.28
C LEU A 45 -1.21 0.51 10.37
N MET A 46 -1.18 0.03 11.61
CA MET A 46 -0.81 0.89 12.72
C MET A 46 -0.30 -0.01 13.82
N GLN A 47 0.39 0.61 14.76
CA GLN A 47 0.74 -0.04 16.01
C GLN A 47 -0.25 0.46 17.04
N ALA A 48 -0.95 -0.44 17.70
CA ALA A 48 -1.93 -0.02 18.70
C ALA A 48 -2.00 -1.04 19.83
N CYS A 49 -2.46 -0.58 20.99
CA CYS A 49 -2.64 -1.43 22.17
C CYS A 49 -4.11 -1.48 22.59
N PRO A 50 -4.58 -2.62 23.08
CA PRO A 50 -5.99 -2.76 23.45
C PRO A 50 -6.31 -2.06 24.77
N VAL A 51 -7.59 -1.72 24.92
CA VAL A 51 -8.16 -1.18 26.16
C VAL A 51 -9.03 -2.25 26.80
N THR A 52 -8.86 -2.48 28.10
CA THR A 52 -9.68 -3.47 28.77
C THR A 52 -9.79 -3.06 30.23
N SER A 53 -10.25 -3.99 31.07
CA SER A 53 -10.32 -3.70 32.49
C SER A 53 -9.05 -4.20 33.18
N ARG A 54 -8.70 -3.50 34.25
CA ARG A 54 -7.55 -3.82 35.09
C ARG A 54 -7.58 -5.28 35.52
N ALA A 55 -6.42 -5.91 35.57
CA ALA A 55 -6.36 -7.25 36.15
C ALA A 55 -4.97 -7.45 36.76
N LYS A 56 -4.92 -8.30 37.80
CA LYS A 56 -3.64 -8.61 38.43
C LYS A 56 -2.65 -9.12 37.40
N GLY A 57 -3.11 -9.95 36.46
CA GLY A 57 -2.23 -10.51 35.45
C GLY A 57 -1.80 -9.58 34.34
N TYR A 58 -2.16 -8.29 34.40
CA TYR A 58 -1.73 -7.33 33.39
C TYR A 58 -0.73 -6.39 34.04
N PRO A 59 0.56 -6.71 34.04
CA PRO A 59 1.50 -5.89 34.81
C PRO A 59 1.84 -4.55 34.17
N PHE A 60 1.56 -4.36 32.88
CA PHE A 60 1.91 -3.15 32.15
C PHE A 60 0.64 -2.47 31.66
N GLU A 61 -0.05 -1.82 32.60
CA GLU A 61 -1.33 -1.16 32.37
C GLU A 61 -1.14 0.34 32.47
N VAL A 62 -1.88 1.09 31.67
CA VAL A 62 -1.95 2.54 31.84
C VAL A 62 -3.42 2.93 31.92
N THR A 63 -3.82 3.50 33.05
CA THR A 63 -5.22 3.84 33.30
C THR A 63 -5.65 5.03 32.45
N LEU A 64 -6.87 4.95 31.91
CA LEU A 64 -7.44 6.07 31.17
C LEU A 64 -8.14 7.05 32.11
N PRO A 65 -8.04 8.35 31.85
CA PRO A 65 -8.87 9.31 32.58
C PRO A 65 -10.33 9.22 32.18
N ALA A 66 -11.16 9.96 32.91
CA ALA A 66 -12.60 9.93 32.69
C ALA A 66 -12.98 10.73 31.43
N HIS A 67 -14.20 10.49 30.97
CA HIS A 67 -14.88 11.30 29.94
C HIS A 67 -14.29 11.13 28.54
N LEU A 68 -13.63 10.01 28.28
CA LEU A 68 -13.06 9.75 26.97
C LEU A 68 -13.93 8.83 26.12
N GLY A 69 -15.19 8.64 26.50
CA GLY A 69 -16.05 7.70 25.82
C GLY A 69 -15.83 6.25 26.18
N VAL A 70 -14.66 5.91 26.73
CA VAL A 70 -14.37 4.56 27.19
C VAL A 70 -13.43 4.66 28.39
N SER A 71 -13.63 3.77 29.35
CA SER A 71 -12.81 3.73 30.54
C SER A 71 -12.00 2.44 30.54
N GLY A 72 -11.08 2.34 31.49
CA GLY A 72 -10.29 1.13 31.58
C GLY A 72 -8.80 1.39 31.52
N VAL A 73 -8.01 0.40 31.11
CA VAL A 73 -6.56 0.51 31.06
C VAL A 73 -6.09 0.16 29.65
N VAL A 74 -4.99 0.79 29.24
CA VAL A 74 -4.30 0.40 28.02
C VAL A 74 -3.28 -0.67 28.37
N LEU A 75 -3.31 -1.80 27.65
CA LEU A 75 -2.34 -2.87 27.89
C LEU A 75 -1.11 -2.61 27.05
N ALA A 76 -0.10 -1.94 27.64
CA ALA A 76 1.08 -1.57 26.87
C ALA A 76 1.81 -2.78 26.31
N ASP A 77 1.82 -3.92 27.01
CA ASP A 77 2.59 -5.05 26.52
C ASP A 77 1.88 -5.86 25.44
N HIS A 78 0.60 -5.56 25.14
CA HIS A 78 -0.15 -6.25 24.09
C HIS A 78 -0.22 -5.42 22.80
N CYS A 79 0.67 -4.44 22.65
CA CYS A 79 0.73 -3.66 21.42
C CYS A 79 1.04 -4.57 20.23
N ARG A 80 0.46 -4.25 19.08
CA ARG A 80 0.67 -5.11 17.92
C ARG A 80 0.45 -4.33 16.64
N SER A 81 1.10 -4.79 15.59
CA SER A 81 0.84 -4.29 14.26
C SER A 81 -0.49 -4.84 13.78
N LEU A 82 -1.34 -3.99 13.20
CA LEU A 82 -2.53 -4.54 12.60
C LEU A 82 -3.06 -3.63 11.51
N ASP A 83 -3.86 -4.24 10.63
CA ASP A 83 -4.48 -3.54 9.52
C ASP A 83 -5.75 -2.85 10.03
N TRP A 84 -5.71 -1.52 10.12
CA TRP A 84 -6.83 -0.76 10.66
C TRP A 84 -7.89 -0.45 9.62
N ARG A 85 -7.55 -0.46 8.33
CA ARG A 85 -8.55 -0.16 7.31
C ARG A 85 -9.58 -1.27 7.21
N SER A 86 -9.14 -2.54 7.24
CA SER A 86 -10.07 -3.66 7.17
C SER A 86 -10.91 -3.78 8.42
N ARG A 87 -10.49 -3.18 9.51
CA ARG A 87 -11.20 -3.26 10.78
C ARG A 87 -12.08 -2.05 11.02
N ARG A 88 -12.24 -1.20 10.01
CA ARG A 88 -13.18 -0.07 10.03
C ARG A 88 -12.91 0.85 11.22
N ALA A 89 -11.63 1.19 11.40
CA ALA A 89 -11.23 2.09 12.47
C ALA A 89 -12.10 3.36 12.46
N GLU A 90 -12.54 3.76 13.65
CA GLU A 90 -13.36 4.95 13.82
C GLU A 90 -12.88 5.67 15.06
N GLN A 91 -12.69 6.98 14.96
CA GLN A 91 -12.14 7.70 16.11
C GLN A 91 -13.14 7.70 17.26
N LEU A 92 -12.60 7.62 18.47
CA LEU A 92 -13.37 7.65 19.70
C LEU A 92 -13.02 8.85 20.54
N ALA A 93 -11.73 9.13 20.74
CA ALA A 93 -11.32 10.32 21.48
C ALA A 93 -9.84 10.54 21.27
N GLU A 94 -9.31 11.53 21.96
CA GLU A 94 -7.88 11.81 22.02
C GLU A 94 -7.43 11.57 23.45
N ALA A 95 -6.51 10.62 23.63
CA ALA A 95 -5.93 10.42 24.95
C ALA A 95 -4.96 11.56 25.26
N PRO A 96 -4.80 11.91 26.53
CA PRO A 96 -3.82 12.94 26.88
C PRO A 96 -2.40 12.47 26.63
N ALA A 97 -1.52 13.45 26.41
CA ALA A 97 -0.12 13.17 26.09
C ALA A 97 0.55 12.29 27.13
N ASP A 98 0.18 12.40 28.40
CA ASP A 98 0.87 11.63 29.43
C ASP A 98 0.44 10.16 29.42
N VAL A 99 -0.76 9.85 28.93
CA VAL A 99 -1.16 8.46 28.75
C VAL A 99 -0.32 7.82 27.64
N LEU A 100 -0.17 8.53 26.52
CA LEU A 100 0.66 8.05 25.42
C LEU A 100 2.12 7.91 25.84
N ALA A 101 2.65 8.90 26.55
CA ALA A 101 4.03 8.82 27.02
C ALA A 101 4.23 7.63 27.95
N GLU A 102 3.25 7.33 28.80
CA GLU A 102 3.43 6.23 29.74
C GLU A 102 3.35 4.87 29.04
N VAL A 103 2.44 4.74 28.08
CA VAL A 103 2.40 3.52 27.29
C VAL A 103 3.71 3.32 26.56
N ARG A 104 4.21 4.39 25.90
CA ARG A 104 5.49 4.28 25.20
C ARG A 104 6.61 3.88 26.16
N GLY A 105 6.61 4.47 27.37
CA GLY A 105 7.64 4.14 28.34
C GLY A 105 7.62 2.67 28.74
N LYS A 106 6.44 2.11 28.95
CA LYS A 106 6.36 0.71 29.36
C LYS A 106 6.68 -0.23 28.20
N LEU A 107 6.14 0.06 27.03
CA LEU A 107 6.40 -0.79 25.87
C LEU A 107 7.87 -0.75 25.47
N GLY A 108 8.49 0.45 25.51
CA GLY A 108 9.91 0.54 25.19
C GLY A 108 10.77 -0.33 26.08
N SER A 109 10.44 -0.38 27.36
CA SER A 109 11.21 -1.22 28.27
C SER A 109 11.04 -2.69 27.94
N LEU A 110 9.80 -3.10 27.71
CA LEU A 110 9.52 -4.47 27.29
C LEU A 110 10.29 -4.86 26.03
N LEU A 111 10.40 -3.95 25.08
CA LEU A 111 11.02 -4.28 23.79
C LEU A 111 12.54 -4.27 23.85
N GLY A 112 13.11 -3.99 25.01
CA GLY A 112 14.55 -3.98 25.15
C GLY A 112 15.22 -2.72 24.67
N MET A 113 14.50 -1.61 24.64
CA MET A 113 15.10 -0.35 24.18
C MET A 113 15.71 0.42 25.34
N SER B 3 6.41 -6.20 -36.93
CA SER B 3 6.86 -5.11 -37.81
C SER B 3 5.71 -4.61 -38.70
N ASP B 4 4.84 -5.53 -39.15
CA ASP B 4 3.50 -5.19 -39.60
C ASP B 4 2.50 -5.13 -38.43
N TYR B 5 2.83 -5.76 -37.32
CA TYR B 5 1.87 -5.95 -36.25
C TYR B 5 1.43 -4.62 -35.64
N VAL B 6 0.12 -4.44 -35.47
CA VAL B 6 -0.43 -3.31 -34.73
C VAL B 6 -1.35 -3.88 -33.65
N PRO B 7 -1.08 -3.62 -32.38
CA PRO B 7 -1.96 -4.17 -31.33
C PRO B 7 -3.39 -3.68 -31.48
N ASP B 8 -4.33 -4.57 -31.14
CA ASP B 8 -5.75 -4.26 -31.16
C ASP B 8 -6.38 -4.58 -29.81
N ALA B 9 -7.57 -4.03 -29.60
CA ALA B 9 -8.27 -4.24 -28.34
C ALA B 9 -8.50 -5.73 -28.09
N GLY B 10 -8.16 -6.18 -26.89
CA GLY B 10 -8.32 -7.56 -26.53
C GLY B 10 -7.09 -8.40 -26.73
N HIS B 11 -6.11 -7.93 -27.49
CA HIS B 11 -4.86 -8.66 -27.64
C HIS B 11 -4.12 -8.72 -26.32
N LEU B 12 -3.48 -9.85 -26.06
CA LEU B 12 -2.48 -9.98 -25.02
C LEU B 12 -1.12 -9.91 -25.70
N VAL B 13 -0.26 -9.01 -25.24
CA VAL B 13 1.01 -8.74 -25.90
C VAL B 13 2.12 -8.83 -24.88
N TRP B 14 3.30 -9.25 -25.34
CA TRP B 14 4.53 -9.02 -24.59
C TRP B 14 5.03 -7.61 -24.84
N LEU B 15 5.50 -6.96 -23.79
CA LEU B 15 6.10 -5.63 -23.89
C LEU B 15 7.39 -5.60 -23.09
N ASN B 16 8.41 -4.99 -23.67
CA ASN B 16 9.69 -4.84 -22.99
C ASN B 16 9.64 -3.75 -21.93
N PHE B 17 10.56 -3.84 -20.98
CA PHE B 17 10.81 -2.77 -20.03
C PHE B 17 12.22 -2.96 -19.49
N THR B 18 12.83 -1.86 -19.04
CA THR B 18 14.21 -1.92 -18.54
C THR B 18 14.32 -1.17 -17.21
N GLY B 27 14.01 -7.40 -19.69
CA GLY B 27 12.80 -8.12 -19.31
C GLY B 27 11.56 -7.73 -20.10
N ARG B 28 10.52 -8.56 -19.99
CA ARG B 28 9.28 -8.32 -20.72
C ARG B 28 8.15 -8.90 -19.90
N ARG B 29 6.94 -8.38 -20.09
CA ARG B 29 5.79 -8.92 -19.38
C ARG B 29 4.56 -8.79 -20.27
N PRO B 30 3.55 -9.59 -20.03
CA PRO B 30 2.32 -9.50 -20.84
C PRO B 30 1.46 -8.33 -20.38
N ALA B 31 0.59 -7.91 -21.30
CA ALA B 31 -0.36 -6.85 -21.03
C ALA B 31 -1.57 -7.05 -21.92
N LEU B 32 -2.73 -6.66 -21.42
CA LEU B 32 -3.99 -6.71 -22.16
C LEU B 32 -4.26 -5.34 -22.78
N VAL B 33 -4.42 -5.30 -24.09
CA VAL B 33 -4.65 -4.04 -24.79
C VAL B 33 -6.14 -3.67 -24.72
N LEU B 34 -6.43 -2.44 -24.30
CA LEU B 34 -7.81 -1.97 -24.30
C LEU B 34 -8.14 -1.03 -25.46
N SER B 35 -7.16 -0.26 -25.97
CA SER B 35 -7.51 0.71 -27.00
C SER B 35 -7.50 0.07 -28.38
N PRO B 36 -8.24 0.63 -29.35
CA PRO B 36 -8.38 -0.01 -30.66
C PRO B 36 -7.19 0.24 -31.58
N ALA B 37 -7.00 -0.70 -32.52
CA ALA B 37 -5.87 -0.61 -33.46
C ALA B 37 -5.88 0.71 -34.24
N ALA B 38 -7.06 1.27 -34.50
CA ALA B 38 -7.14 2.52 -35.24
C ALA B 38 -6.38 3.63 -34.53
N TYR B 39 -6.55 3.73 -33.20
CA TYR B 39 -5.75 4.66 -32.42
C TYR B 39 -4.31 4.17 -32.26
N ASN B 40 -4.13 2.90 -31.92
CA ASN B 40 -2.80 2.36 -31.62
C ASN B 40 -1.85 2.52 -32.81
N GLY B 41 -2.34 2.23 -34.02
CA GLY B 41 -1.47 2.28 -35.19
C GLY B 41 -1.03 3.69 -35.56
N VAL B 42 -1.89 4.70 -35.37
CA VAL B 42 -1.53 6.05 -35.80
C VAL B 42 -0.74 6.84 -34.76
N THR B 43 -0.85 6.50 -33.48
CA THR B 43 -0.09 7.18 -32.46
C THR B 43 1.17 6.42 -32.03
N GLY B 44 1.22 5.11 -32.26
CA GLY B 44 2.30 4.30 -31.71
C GLY B 44 2.17 4.06 -30.22
N LEU B 45 1.07 4.51 -29.62
CA LEU B 45 0.76 4.31 -28.21
C LEU B 45 -0.44 3.39 -28.10
N MET B 46 -0.69 2.94 -26.87
CA MET B 46 -1.88 2.16 -26.59
C MET B 46 -2.18 2.23 -25.10
N GLN B 47 -3.43 2.00 -24.76
CA GLN B 47 -3.83 1.84 -23.37
C GLN B 47 -3.85 0.34 -23.10
N ALA B 48 -3.10 -0.11 -22.09
CA ALA B 48 -3.02 -1.54 -21.81
C ALA B 48 -2.94 -1.74 -20.31
N CYS B 49 -3.39 -2.92 -19.84
CA CYS B 49 -3.38 -3.29 -18.43
C CYS B 49 -2.37 -4.41 -18.22
N PRO B 50 -1.53 -4.31 -17.20
CA PRO B 50 -0.49 -5.32 -17.02
C PRO B 50 -1.04 -6.63 -16.48
N VAL B 51 -0.36 -7.68 -16.83
CA VAL B 51 -0.58 -8.98 -16.20
C VAL B 51 0.41 -9.09 -15.05
N THR B 52 -0.06 -9.57 -13.90
CA THR B 52 0.83 -9.83 -12.77
C THR B 52 0.79 -11.31 -12.44
N SER B 53 1.93 -11.87 -12.07
CA SER B 53 2.00 -13.30 -11.77
C SER B 53 1.44 -13.63 -10.40
N ARG B 54 1.25 -12.65 -9.53
CA ARG B 54 0.81 -12.92 -8.16
C ARG B 54 -0.62 -12.45 -7.97
N ALA B 55 -1.57 -13.39 -8.02
CA ALA B 55 -2.95 -13.09 -7.70
C ALA B 55 -3.10 -13.03 -6.17
N LYS B 56 -3.70 -11.95 -5.68
CA LYS B 56 -3.90 -11.81 -4.23
C LYS B 56 -5.35 -11.68 -3.83
N GLY B 57 -6.29 -11.82 -4.77
CA GLY B 57 -7.67 -11.54 -4.43
C GLY B 57 -8.02 -10.06 -4.41
N TYR B 58 -7.11 -9.21 -4.87
CA TYR B 58 -7.41 -7.80 -5.07
C TYR B 58 -8.61 -7.67 -6.00
N PRO B 59 -9.57 -6.78 -5.70
CA PRO B 59 -10.84 -6.78 -6.46
C PRO B 59 -10.71 -6.33 -7.90
N PHE B 60 -9.62 -5.67 -8.29
CA PHE B 60 -9.42 -5.30 -9.69
C PHE B 60 -8.63 -6.35 -10.48
N GLU B 61 -8.26 -7.47 -9.86
CA GLU B 61 -7.70 -8.58 -10.59
C GLU B 61 -8.78 -9.19 -11.48
N VAL B 62 -8.40 -9.58 -12.69
CA VAL B 62 -9.30 -10.23 -13.63
C VAL B 62 -8.57 -11.48 -14.12
N THR B 63 -9.19 -12.64 -13.91
CA THR B 63 -8.58 -13.89 -14.34
C THR B 63 -8.76 -14.08 -15.83
N LEU B 64 -7.81 -14.76 -16.43
CA LEU B 64 -7.88 -15.15 -17.81
C LEU B 64 -8.20 -16.63 -17.92
N PRO B 65 -8.97 -17.04 -18.93
CA PRO B 65 -9.19 -18.46 -19.12
C PRO B 65 -7.85 -19.16 -19.24
N ALA B 66 -7.74 -20.32 -18.59
CA ALA B 66 -6.48 -21.04 -18.52
C ALA B 66 -5.97 -21.43 -19.90
N HIS B 67 -6.86 -21.69 -20.85
CA HIS B 67 -6.41 -22.14 -22.17
C HIS B 67 -5.61 -21.07 -22.91
N LEU B 68 -5.68 -19.80 -22.49
CA LEU B 68 -4.84 -18.76 -23.07
C LEU B 68 -3.36 -18.96 -22.76
N GLY B 69 -3.03 -19.74 -21.73
CA GLY B 69 -1.63 -19.99 -21.40
C GLY B 69 -0.89 -18.80 -20.84
N VAL B 70 -1.58 -17.86 -20.18
CA VAL B 70 -0.95 -16.71 -19.56
C VAL B 70 -0.77 -17.00 -18.07
N SER B 71 0.42 -16.70 -17.54
CA SER B 71 0.73 -16.96 -16.13
C SER B 71 0.42 -15.70 -15.32
N GLY B 72 -0.77 -15.64 -14.72
CA GLY B 72 -1.10 -14.51 -13.87
C GLY B 72 -2.47 -13.96 -14.16
N VAL B 73 -2.74 -12.74 -13.65
CA VAL B 73 -4.04 -12.10 -13.77
C VAL B 73 -3.81 -10.66 -14.22
N VAL B 74 -4.83 -10.09 -14.88
CA VAL B 74 -4.81 -8.71 -15.33
C VAL B 74 -5.17 -7.79 -14.16
N LEU B 75 -4.44 -6.68 -14.02
CA LEU B 75 -4.77 -5.64 -13.05
C LEU B 75 -5.54 -4.54 -13.77
N ALA B 76 -6.87 -4.54 -13.61
CA ALA B 76 -7.72 -3.65 -14.38
C ALA B 76 -7.51 -2.18 -14.02
N ASP B 77 -7.11 -1.88 -12.78
CA ASP B 77 -6.89 -0.51 -12.35
C ASP B 77 -5.47 -0.02 -12.62
N HIS B 78 -4.60 -0.83 -13.22
CA HIS B 78 -3.21 -0.46 -13.49
C HIS B 78 -2.98 -0.10 -14.97
N CYS B 79 -4.05 0.18 -15.67
CA CYS B 79 -4.00 0.61 -17.06
C CYS B 79 -3.11 1.85 -17.21
N ARG B 80 -2.38 1.91 -18.33
CA ARG B 80 -1.62 3.12 -18.64
C ARG B 80 -1.33 3.16 -20.15
N SER B 81 -1.01 4.37 -20.63
CA SER B 81 -0.53 4.57 -21.98
C SER B 81 0.91 4.05 -22.11
N LEU B 82 1.17 3.28 -23.16
CA LEU B 82 2.47 2.70 -23.43
C LEU B 82 2.83 2.86 -24.92
N ASP B 83 4.11 3.08 -25.21
CA ASP B 83 4.60 3.13 -26.58
C ASP B 83 4.91 1.71 -27.01
N TRP B 84 3.97 1.07 -27.73
CA TRP B 84 4.13 -0.34 -28.04
C TRP B 84 5.19 -0.57 -29.12
N ARG B 85 5.55 0.44 -29.91
CA ARG B 85 6.60 0.24 -30.90
C ARG B 85 7.96 0.16 -30.24
N SER B 86 8.30 1.15 -29.42
CA SER B 86 9.61 1.13 -28.78
C SER B 86 9.73 -0.01 -27.76
N ARG B 87 8.62 -0.49 -27.22
CA ARG B 87 8.66 -1.63 -26.31
C ARG B 87 8.49 -2.97 -27.04
N ARG B 88 8.43 -2.95 -28.37
CA ARG B 88 8.44 -4.17 -29.20
C ARG B 88 7.28 -5.11 -28.84
N ALA B 89 6.06 -4.59 -28.89
CA ALA B 89 4.90 -5.43 -28.61
C ALA B 89 4.86 -6.62 -29.55
N GLU B 90 4.55 -7.79 -29.01
CA GLU B 90 4.24 -8.92 -29.88
C GLU B 90 3.10 -9.71 -29.27
N GLN B 91 2.16 -10.12 -30.13
CA GLN B 91 0.97 -10.77 -29.63
C GLN B 91 1.32 -12.15 -29.12
N LEU B 92 0.67 -12.55 -28.04
CA LEU B 92 0.75 -13.93 -27.60
C LEU B 92 -0.59 -14.65 -27.57
N ALA B 93 -1.69 -13.91 -27.46
CA ALA B 93 -3.03 -14.51 -27.40
C ALA B 93 -4.05 -13.40 -27.62
N GLU B 94 -5.32 -13.78 -27.62
CA GLU B 94 -6.42 -12.85 -27.62
C GLU B 94 -7.38 -13.19 -26.50
N ALA B 95 -7.72 -12.17 -25.67
CA ALA B 95 -8.65 -12.34 -24.56
C ALA B 95 -10.10 -12.39 -25.07
N PRO B 96 -10.95 -13.23 -24.48
CA PRO B 96 -12.36 -13.26 -24.87
C PRO B 96 -13.08 -11.97 -24.49
N ALA B 97 -14.24 -11.77 -25.11
CA ALA B 97 -14.97 -10.53 -24.90
C ALA B 97 -15.43 -10.37 -23.44
N ASP B 98 -15.68 -11.47 -22.74
CA ASP B 98 -16.15 -11.30 -21.37
C ASP B 98 -15.02 -10.89 -20.43
N VAL B 99 -13.78 -11.24 -20.78
CA VAL B 99 -12.65 -10.71 -20.04
C VAL B 99 -12.56 -9.20 -20.22
N LEU B 100 -12.60 -8.75 -21.48
CA LEU B 100 -12.62 -7.31 -21.75
C LEU B 100 -13.77 -6.62 -21.03
N ALA B 101 -14.95 -7.24 -21.02
CA ALA B 101 -16.07 -6.59 -20.37
C ALA B 101 -15.81 -6.44 -18.88
N GLU B 102 -15.19 -7.44 -18.26
CA GLU B 102 -14.92 -7.35 -16.83
C GLU B 102 -13.85 -6.30 -16.53
N VAL B 103 -12.77 -6.28 -17.32
CA VAL B 103 -11.74 -5.26 -17.14
C VAL B 103 -12.35 -3.87 -17.29
N ARG B 104 -13.10 -3.65 -18.38
CA ARG B 104 -13.65 -2.33 -18.62
C ARG B 104 -14.71 -1.98 -17.58
N GLY B 105 -15.49 -2.96 -17.15
CA GLY B 105 -16.49 -2.68 -16.12
C GLY B 105 -15.86 -2.28 -14.80
N LYS B 106 -14.77 -2.95 -14.41
CA LYS B 106 -14.11 -2.59 -13.16
C LYS B 106 -13.39 -1.26 -13.28
N LEU B 107 -12.69 -1.04 -14.40
CA LEU B 107 -11.94 0.20 -14.56
C LEU B 107 -12.88 1.38 -14.75
N GLY B 108 -13.96 1.20 -15.51
CA GLY B 108 -14.93 2.27 -15.68
C GLY B 108 -15.59 2.66 -14.37
N SER B 109 -15.89 1.68 -13.53
CA SER B 109 -16.37 1.96 -12.18
C SER B 109 -15.40 2.87 -11.42
N LEU B 110 -14.11 2.54 -11.45
CA LEU B 110 -13.12 3.34 -10.74
C LEU B 110 -12.96 4.73 -11.35
N LEU B 111 -13.08 4.86 -12.67
CA LEU B 111 -12.88 6.15 -13.33
C LEU B 111 -14.10 7.06 -13.23
N GLY B 112 -15.19 6.57 -12.66
CA GLY B 112 -16.40 7.36 -12.55
C GLY B 112 -17.23 7.39 -13.81
N MET B 113 -17.27 6.28 -14.54
CA MET B 113 -18.11 6.16 -15.73
C MET B 113 -19.27 5.21 -15.46
N TYR C 51 -20.62 -3.22 -12.16
CA TYR C 51 -19.92 -3.30 -10.88
C TYR C 51 -20.21 -2.10 -9.96
N ASP C 52 -20.48 -2.39 -8.69
CA ASP C 52 -20.67 -1.36 -7.67
C ASP C 52 -19.31 -0.96 -7.10
N LEU C 53 -18.95 0.32 -7.23
CA LEU C 53 -17.63 0.77 -6.77
C LEU C 53 -17.43 0.53 -5.28
N ALA C 54 -18.47 0.77 -4.47
CA ALA C 54 -18.32 0.53 -3.03
C ALA C 54 -18.05 -0.94 -2.73
N ALA C 55 -18.68 -1.85 -3.48
CA ALA C 55 -18.36 -3.26 -3.29
C ALA C 55 -16.90 -3.54 -3.64
N LEU C 56 -16.41 -2.96 -4.75
CA LEU C 56 -15.02 -3.16 -5.14
C LEU C 56 -14.06 -2.58 -4.11
N LEU C 57 -14.25 -1.31 -3.72
CA LEU C 57 -13.27 -0.69 -2.83
C LEU C 57 -13.28 -1.34 -1.45
N ALA C 58 -14.43 -1.82 -0.97
CA ALA C 58 -14.47 -2.47 0.34
C ALA C 58 -13.67 -3.77 0.34
N GLU C 59 -13.40 -4.36 -0.82
CA GLU C 59 -12.62 -5.59 -0.83
C GLU C 59 -11.11 -5.33 -0.81
N MET C 60 -10.65 -4.10 -1.00
CA MET C 60 -9.23 -3.76 -0.93
C MET C 60 -8.77 -3.74 0.52
N THR C 61 -7.65 -4.39 0.78
CA THR C 61 -7.01 -4.39 2.08
C THR C 61 -5.51 -4.19 1.91
N PRO C 62 -4.81 -3.75 2.96
CA PRO C 62 -3.35 -3.67 2.88
C PRO C 62 -2.69 -5.00 2.55
N GLU C 63 -3.40 -6.12 2.69
CA GLU C 63 -2.82 -7.41 2.40
C GLU C 63 -2.95 -7.83 0.93
N ASN C 64 -3.80 -7.18 0.15
CA ASN C 64 -3.95 -7.57 -1.26
C ASN C 64 -3.66 -6.46 -2.26
N LEU C 65 -3.06 -5.35 -1.84
CA LEU C 65 -2.71 -4.27 -2.78
C LEU C 65 -1.61 -4.70 -3.76
N HIS C 66 -1.57 -4.02 -4.92
CA HIS C 66 -0.46 -4.10 -5.86
C HIS C 66 0.05 -2.68 -6.13
N GLY C 67 1.33 -2.46 -5.94
CA GLY C 67 1.93 -1.16 -6.22
C GLY C 67 1.96 -0.86 -7.71
N GLU C 68 2.47 0.33 -8.03
CA GLU C 68 2.61 0.72 -9.43
C GLU C 68 3.42 -0.33 -10.19
N THR C 69 2.90 -0.73 -11.34
CA THR C 69 3.64 -1.65 -12.20
C THR C 69 4.97 -1.04 -12.62
N ASP C 70 6.04 -1.82 -12.55
CA ASP C 70 7.34 -1.31 -13.02
C ASP C 70 7.45 -1.48 -14.53
N TRP C 71 7.38 -0.36 -15.26
CA TRP C 71 7.66 -0.36 -16.68
C TRP C 71 9.02 0.22 -16.99
N GLY C 72 9.87 0.36 -15.98
CA GLY C 72 11.17 0.93 -16.20
C GLY C 72 11.07 2.41 -16.54
N ALA C 73 12.07 2.90 -17.26
CA ALA C 73 12.10 4.29 -17.66
C ALA C 73 11.10 4.54 -18.78
N LEU C 74 10.75 5.81 -18.95
CA LEU C 74 9.91 6.24 -20.07
C LEU C 74 10.55 5.82 -21.39
N GLU C 75 9.71 5.44 -22.36
CA GLU C 75 10.21 4.96 -23.64
C GLU C 75 9.45 5.62 -24.78
N GLY C 76 10.15 5.87 -25.88
CA GLY C 76 9.50 6.33 -27.10
C GLY C 76 8.70 7.60 -26.89
N ARG C 77 7.44 7.58 -27.32
CA ARG C 77 6.56 8.74 -27.29
C ARG C 77 5.77 8.86 -25.99
N GLU C 78 6.11 8.09 -24.97
CA GLU C 78 5.39 8.18 -23.70
C GLU C 78 5.60 9.57 -23.08
N GLU C 79 4.52 10.17 -22.59
CA GLU C 79 4.59 11.53 -22.07
C GLU C 79 5.12 11.56 -20.64
N TRP C 80 4.78 10.53 -19.86
CA TRP C 80 5.24 10.43 -18.49
C TRP C 80 5.28 8.96 -18.08
N ASP D 4 10.96 -27.14 28.17
CA ASP D 4 11.47 -26.20 29.16
C ASP D 4 12.13 -24.96 28.51
N TYR D 5 12.11 -24.91 27.19
CA TYR D 5 12.67 -23.78 26.47
C TYR D 5 11.89 -22.50 26.78
N VAL D 6 12.61 -21.40 26.97
CA VAL D 6 12.02 -20.08 27.10
C VAL D 6 12.70 -19.16 26.10
N PRO D 7 11.96 -18.56 25.16
CA PRO D 7 12.58 -17.65 24.19
C PRO D 7 13.22 -16.47 24.87
N ASP D 8 14.36 -16.03 24.35
CA ASP D 8 15.02 -14.85 24.87
C ASP D 8 15.16 -13.82 23.75
N ALA D 9 15.41 -12.58 24.16
CA ALA D 9 15.59 -11.50 23.19
C ALA D 9 16.74 -11.83 22.25
N GLY D 10 16.50 -11.71 20.96
CA GLY D 10 17.49 -12.06 19.95
C GLY D 10 17.37 -13.46 19.40
N HIS D 11 16.61 -14.34 20.05
CA HIS D 11 16.38 -15.66 19.48
C HIS D 11 15.57 -15.55 18.19
N LEU D 12 15.88 -16.42 17.24
CA LEU D 12 15.01 -16.71 16.10
C LEU D 12 14.28 -18.01 16.36
N VAL D 13 12.96 -17.97 16.33
CA VAL D 13 12.15 -19.12 16.69
C VAL D 13 11.19 -19.42 15.55
N TRP D 14 10.85 -20.70 15.40
CA TRP D 14 9.69 -21.11 14.64
C TRP D 14 8.45 -20.97 15.51
N LEU D 15 7.38 -20.44 14.94
CA LEU D 15 6.10 -20.30 15.64
C LEU D 15 4.97 -20.81 14.76
N ASN D 16 4.06 -21.58 15.36
CA ASN D 16 2.90 -22.10 14.64
C ASN D 16 1.84 -21.04 14.44
N PHE D 17 1.11 -21.16 13.33
CA PHE D 17 -0.14 -20.44 13.15
C PHE D 17 -1.12 -21.34 12.41
N THR D 18 -2.40 -21.13 12.70
CA THR D 18 -3.46 -21.97 12.15
C THR D 18 -4.14 -21.33 10.94
N GLY D 27 8.07 -25.01 11.28
CA GLY D 27 6.88 -24.77 12.09
C GLY D 27 6.07 -23.54 11.71
N ARG D 28 5.69 -23.48 10.43
CA ARG D 28 4.91 -22.38 9.86
C ARG D 28 5.74 -21.10 9.69
N ARG D 29 6.14 -20.40 10.76
CA ARG D 29 6.80 -19.07 10.51
C ARG D 29 7.91 -18.65 11.47
N PRO D 30 9.06 -18.17 10.98
CA PRO D 30 10.11 -17.70 11.90
C PRO D 30 9.86 -16.28 12.38
N ALA D 31 10.42 -15.98 13.55
CA ALA D 31 10.26 -14.66 14.15
C ALA D 31 11.46 -14.34 15.02
N LEU D 32 11.76 -13.04 15.11
CA LEU D 32 12.81 -12.52 16.00
C LEU D 32 12.17 -12.06 17.31
N VAL D 33 12.62 -12.61 18.42
CA VAL D 33 12.14 -12.23 19.73
C VAL D 33 12.80 -10.95 20.20
N LEU D 34 11.99 -9.99 20.63
CA LEU D 34 12.47 -8.73 21.19
C LEU D 34 12.40 -8.67 22.71
N SER D 35 11.36 -9.27 23.31
CA SER D 35 11.19 -9.17 24.76
C SER D 35 12.13 -10.13 25.48
N PRO D 36 12.50 -9.80 26.72
CA PRO D 36 13.48 -10.63 27.44
C PRO D 36 12.84 -11.87 28.06
N ALA D 37 13.66 -12.89 28.26
CA ALA D 37 13.15 -14.16 28.78
C ALA D 37 12.45 -13.98 30.13
N ALA D 38 12.88 -13.00 30.94
CA ALA D 38 12.23 -12.76 32.23
C ALA D 38 10.72 -12.56 32.06
N TYR D 39 10.36 -11.70 31.10
CA TYR D 39 8.95 -11.49 30.76
C TYR D 39 8.35 -12.71 30.07
N ASN D 40 9.07 -13.26 29.07
CA ASN D 40 8.50 -14.32 28.24
C ASN D 40 8.16 -15.55 29.07
N GLY D 41 9.08 -15.96 29.94
CA GLY D 41 8.84 -17.13 30.76
C GLY D 41 7.65 -16.96 31.68
N VAL D 42 7.59 -15.81 32.36
CA VAL D 42 6.54 -15.59 33.35
C VAL D 42 5.17 -15.52 32.68
N THR D 43 5.03 -14.70 31.64
CA THR D 43 3.72 -14.39 31.08
C THR D 43 3.22 -15.44 30.08
N GLY D 44 4.11 -16.21 29.47
CA GLY D 44 3.73 -17.00 28.33
C GLY D 44 3.53 -16.22 27.05
N LEU D 45 3.80 -14.92 27.07
CA LEU D 45 3.70 -14.06 25.91
C LEU D 45 5.07 -13.53 25.55
N MET D 46 5.16 -12.96 24.36
CA MET D 46 6.40 -12.34 23.92
C MET D 46 6.08 -11.34 22.81
N GLN D 47 6.94 -10.33 22.68
CA GLN D 47 6.89 -9.43 21.55
C GLN D 47 7.88 -9.95 20.51
N ALA D 48 7.42 -10.21 19.29
CA ALA D 48 8.29 -10.71 18.25
C ALA D 48 7.91 -10.10 16.91
N CYS D 49 8.91 -10.00 16.02
CA CYS D 49 8.79 -9.52 14.65
C CYS D 49 8.96 -10.66 13.66
N PRO D 50 8.14 -10.69 12.61
CA PRO D 50 8.21 -11.80 11.66
C PRO D 50 9.42 -11.70 10.73
N VAL D 51 9.91 -12.85 10.30
CA VAL D 51 10.96 -12.93 9.29
C VAL D 51 10.29 -13.26 7.97
N THR D 52 10.67 -12.56 6.90
CA THR D 52 10.13 -12.89 5.59
C THR D 52 11.26 -13.01 4.57
N SER D 53 11.04 -13.89 3.59
CA SER D 53 11.94 -14.02 2.44
C SER D 53 11.76 -12.88 1.45
N ARG D 54 10.63 -12.17 1.51
CA ARG D 54 10.23 -11.23 0.47
C ARG D 54 10.78 -9.84 0.81
N ALA D 55 12.05 -9.63 0.46
CA ALA D 55 12.70 -8.35 0.70
C ALA D 55 12.39 -7.38 -0.45
N LYS D 56 11.91 -6.19 -0.10
CA LYS D 56 11.50 -5.20 -1.07
C LYS D 56 12.27 -3.89 -1.00
N GLY D 57 13.14 -3.72 -0.01
CA GLY D 57 13.70 -2.40 0.24
C GLY D 57 12.82 -1.53 1.10
N TYR D 58 11.80 -2.09 1.72
CA TYR D 58 10.97 -1.36 2.66
C TYR D 58 11.86 -0.86 3.82
N PRO D 59 11.71 0.38 4.24
CA PRO D 59 12.65 0.93 5.24
C PRO D 59 12.66 0.19 6.57
N PHE D 60 11.60 -0.51 6.94
CA PHE D 60 11.60 -1.23 8.20
C PHE D 60 12.15 -2.65 8.09
N GLU D 61 12.65 -3.06 6.92
CA GLU D 61 13.30 -4.37 6.80
C GLU D 61 14.67 -4.33 7.45
N VAL D 62 15.05 -5.43 8.10
CA VAL D 62 16.38 -5.59 8.66
C VAL D 62 16.91 -6.94 8.18
N THR D 63 18.02 -6.92 7.44
CA THR D 63 18.57 -8.10 6.79
C THR D 63 19.23 -9.02 7.81
N LEU D 64 18.92 -10.30 7.72
CA LEU D 64 19.65 -11.24 8.55
C LEU D 64 20.97 -11.63 7.90
N PRO D 65 22.03 -11.85 8.67
CA PRO D 65 23.28 -12.36 8.11
C PRO D 65 23.14 -13.80 7.60
N ALA D 66 24.15 -14.23 6.85
CA ALA D 66 23.99 -15.26 5.84
C ALA D 66 23.86 -16.68 6.41
N HIS D 67 24.63 -17.02 7.43
CA HIS D 67 24.69 -18.44 7.75
C HIS D 67 24.07 -18.78 9.09
N LEU D 68 22.86 -18.29 9.31
CA LEU D 68 22.21 -18.41 10.61
C LEU D 68 21.29 -19.62 10.70
N GLY D 69 20.75 -20.08 9.57
CA GLY D 69 19.75 -21.14 9.59
C GLY D 69 18.38 -20.68 9.16
N VAL D 70 18.17 -19.38 9.04
CA VAL D 70 17.00 -18.82 8.37
C VAL D 70 17.46 -17.60 7.60
N SER D 71 16.95 -17.45 6.39
CA SER D 71 17.25 -16.32 5.52
C SER D 71 16.10 -15.32 5.53
N GLY D 72 16.42 -14.09 5.13
CA GLY D 72 15.39 -13.11 4.87
C GLY D 72 15.64 -11.83 5.64
N VAL D 73 14.55 -11.11 5.88
CA VAL D 73 14.59 -9.82 6.56
C VAL D 73 13.56 -9.85 7.68
N VAL D 74 13.88 -9.16 8.76
CA VAL D 74 12.95 -8.94 9.86
C VAL D 74 12.12 -7.72 9.52
N LEU D 75 10.82 -7.80 9.72
CA LEU D 75 9.95 -6.63 9.52
C LEU D 75 9.78 -5.94 10.85
N ALA D 76 10.59 -4.89 11.08
CA ALA D 76 10.64 -4.28 12.41
C ALA D 76 9.30 -3.65 12.80
N ASP D 77 8.55 -3.13 11.84
CA ASP D 77 7.28 -2.48 12.16
C ASP D 77 6.12 -3.46 12.34
N HIS D 78 6.33 -4.76 12.13
CA HIS D 78 5.27 -5.77 12.24
C HIS D 78 5.31 -6.51 13.57
N CYS D 79 5.95 -5.94 14.59
CA CYS D 79 6.03 -6.57 15.89
C CYS D 79 4.64 -6.77 16.49
N ARG D 80 4.48 -7.87 17.24
CA ARG D 80 3.21 -8.10 17.92
C ARG D 80 3.45 -9.02 19.11
N SER D 81 2.52 -8.94 20.07
CA SER D 81 2.49 -9.85 21.20
C SER D 81 1.95 -11.20 20.75
N LEU D 82 2.67 -12.28 21.06
CA LEU D 82 2.32 -13.63 20.65
C LEU D 82 2.42 -14.58 21.84
N ASP D 83 1.50 -15.54 21.91
CA ASP D 83 1.57 -16.60 22.93
C ASP D 83 2.52 -17.68 22.42
N TRP D 84 3.78 -17.62 22.85
CA TRP D 84 4.76 -18.56 22.32
C TRP D 84 4.54 -19.98 22.85
N ARG D 85 3.92 -20.14 24.02
CA ARG D 85 3.63 -21.48 24.52
C ARG D 85 2.65 -22.20 23.59
N SER D 86 1.49 -21.59 23.34
CA SER D 86 0.49 -22.23 22.48
C SER D 86 0.99 -22.42 21.05
N ARG D 87 1.81 -21.49 20.57
CA ARG D 87 2.31 -21.57 19.20
C ARG D 87 3.55 -22.45 19.08
N ARG D 88 3.96 -23.11 20.16
CA ARG D 88 5.00 -24.16 20.10
C ARG D 88 6.32 -23.57 19.62
N ALA D 89 6.75 -22.48 20.25
CA ALA D 89 7.99 -21.84 19.84
C ALA D 89 9.17 -22.81 19.96
N GLU D 90 10.00 -22.85 18.91
CA GLU D 90 11.18 -23.71 18.85
C GLU D 90 12.35 -22.88 18.36
N GLN D 91 13.44 -22.86 19.13
CA GLN D 91 14.57 -22.05 18.72
C GLN D 91 15.16 -22.60 17.43
N LEU D 92 15.54 -21.67 16.56
CA LEU D 92 16.15 -21.96 15.26
C LEU D 92 17.59 -21.50 15.23
N ALA D 93 17.82 -20.28 15.69
CA ALA D 93 19.12 -19.63 15.67
C ALA D 93 19.06 -18.43 16.60
N GLU D 94 20.11 -17.62 16.59
CA GLU D 94 20.18 -16.37 17.31
C GLU D 94 20.67 -15.29 16.37
N ALA D 95 20.07 -14.08 16.47
CA ALA D 95 20.51 -12.96 15.65
C ALA D 95 21.64 -12.22 16.34
N PRO D 96 22.55 -11.58 15.59
CA PRO D 96 23.60 -10.80 16.23
C PRO D 96 23.04 -9.51 16.83
N ALA D 97 23.84 -8.94 17.74
CA ALA D 97 23.41 -7.78 18.51
C ALA D 97 23.02 -6.63 17.60
N ASP D 98 23.72 -6.45 16.47
CA ASP D 98 23.43 -5.33 15.56
C ASP D 98 22.06 -5.46 14.92
N VAL D 99 21.62 -6.68 14.60
CA VAL D 99 20.28 -6.86 14.01
C VAL D 99 19.22 -6.48 15.03
N LEU D 100 19.40 -6.92 16.27
CA LEU D 100 18.49 -6.53 17.34
C LEU D 100 18.46 -5.02 17.51
N ALA D 101 19.63 -4.38 17.51
CA ALA D 101 19.68 -2.93 17.71
C ALA D 101 19.01 -2.18 16.55
N GLU D 102 19.20 -2.67 15.33
CA GLU D 102 18.55 -2.02 14.19
C GLU D 102 17.04 -2.22 14.23
N VAL D 103 16.56 -3.41 14.62
CA VAL D 103 15.12 -3.60 14.71
C VAL D 103 14.54 -2.67 15.77
N ARG D 104 15.13 -2.67 16.96
CA ARG D 104 14.63 -1.84 18.05
C ARG D 104 14.70 -0.36 17.70
N GLY D 105 15.78 0.06 17.05
CA GLY D 105 15.90 1.45 16.67
C GLY D 105 14.85 1.87 15.67
N LYS D 106 14.57 1.01 14.69
CA LYS D 106 13.58 1.38 13.68
C LYS D 106 12.18 1.34 14.27
N LEU D 107 11.85 0.29 15.02
CA LEU D 107 10.54 0.22 15.65
C LEU D 107 10.37 1.36 16.65
N GLY D 108 11.41 1.62 17.44
CA GLY D 108 11.32 2.69 18.42
C GLY D 108 11.04 4.04 17.76
N SER D 109 11.65 4.28 16.60
CA SER D 109 11.35 5.49 15.85
C SER D 109 9.88 5.55 15.48
N LEU D 110 9.34 4.44 14.95
CA LEU D 110 7.94 4.40 14.55
C LEU D 110 7.01 4.63 15.75
N LEU D 111 7.33 4.03 16.89
CA LEU D 111 6.48 4.12 18.07
C LEU D 111 6.62 5.45 18.80
N GLY D 112 7.56 6.31 18.40
CA GLY D 112 7.72 7.60 19.01
C GLY D 112 8.57 7.62 20.26
N MET D 113 9.47 6.65 20.42
CA MET D 113 10.28 6.52 21.62
C MET D 113 11.60 7.30 21.54
N TYR E 51 17.63 6.49 14.35
CA TYR E 51 16.81 6.61 13.13
C TYR E 51 15.81 7.75 13.19
N ASP E 52 15.87 8.63 12.20
CA ASP E 52 14.89 9.70 12.10
C ASP E 52 13.65 9.20 11.38
N LEU E 53 12.49 9.35 12.02
CA LEU E 53 11.27 8.72 11.52
C LEU E 53 10.86 9.31 10.17
N ALA E 54 10.93 10.63 10.01
CA ALA E 54 10.59 11.22 8.72
C ALA E 54 11.39 10.58 7.59
N ALA E 55 12.69 10.38 7.80
CA ALA E 55 13.53 9.78 6.76
C ALA E 55 13.11 8.35 6.46
N LEU E 56 12.81 7.57 7.50
CA LEU E 56 12.25 6.23 7.28
C LEU E 56 10.95 6.31 6.49
N LEU E 57 10.01 7.16 6.92
CA LEU E 57 8.69 7.16 6.30
C LEU E 57 8.74 7.58 4.85
N ALA E 58 9.68 8.47 4.50
CA ALA E 58 9.84 8.94 3.12
C ALA E 58 10.37 7.87 2.19
N GLU E 59 10.90 6.77 2.72
CA GLU E 59 11.34 5.66 1.88
C GLU E 59 10.24 4.65 1.62
N MET E 60 9.09 4.75 2.30
CA MET E 60 7.96 3.88 2.02
C MET E 60 7.27 4.32 0.74
N THR E 61 6.92 3.36 -0.10
CA THR E 61 6.17 3.61 -1.31
C THR E 61 5.14 2.51 -1.47
N PRO E 62 4.07 2.74 -2.22
CA PRO E 62 3.15 1.64 -2.54
C PRO E 62 3.83 0.44 -3.17
N GLU E 63 5.07 0.58 -3.64
CA GLU E 63 5.77 -0.51 -4.31
C GLU E 63 6.60 -1.36 -3.37
N ASN E 64 6.79 -0.96 -2.11
CA ASN E 64 7.57 -1.77 -1.19
C ASN E 64 6.85 -2.09 0.11
N LEU E 65 5.54 -1.87 0.20
CA LEU E 65 4.80 -2.12 1.42
C LEU E 65 4.70 -3.62 1.71
N HIS E 66 4.57 -3.94 2.99
CA HIS E 66 4.31 -5.30 3.47
C HIS E 66 3.02 -5.27 4.27
N GLY E 67 1.99 -5.98 3.82
CA GLY E 67 0.74 -6.04 4.56
C GLY E 67 0.86 -6.76 5.89
N GLU E 68 -0.26 -6.81 6.62
CA GLU E 68 -0.27 -7.41 7.96
C GLU E 68 0.15 -8.87 7.88
N THR E 69 1.05 -9.26 8.78
CA THR E 69 1.52 -10.63 8.84
C THR E 69 0.41 -11.55 9.28
N ASP E 70 0.21 -12.65 8.55
CA ASP E 70 -0.84 -13.59 8.89
C ASP E 70 -0.35 -14.51 10.00
N TRP E 71 -0.86 -14.31 11.21
CA TRP E 71 -0.60 -15.23 12.31
C TRP E 71 -1.78 -16.15 12.56
N GLY E 72 -2.71 -16.22 11.61
CA GLY E 72 -3.91 -17.02 11.77
C GLY E 72 -4.73 -16.57 12.95
N ALA E 73 -5.42 -17.53 13.55
CA ALA E 73 -6.33 -17.25 14.65
C ALA E 73 -5.57 -16.85 15.91
N LEU E 74 -6.26 -16.14 16.79
CA LEU E 74 -5.72 -15.84 18.10
C LEU E 74 -5.54 -17.14 18.88
N GLU E 75 -4.45 -17.23 19.64
CA GLU E 75 -4.11 -18.43 20.37
C GLU E 75 -3.80 -18.08 21.82
N GLY E 76 -4.24 -18.94 22.73
CA GLY E 76 -3.81 -18.84 24.12
C GLY E 76 -4.12 -17.50 24.77
N ARG E 77 -3.11 -16.93 25.42
CA ARG E 77 -3.27 -15.70 26.18
C ARG E 77 -3.21 -14.45 25.31
N GLU E 78 -3.12 -14.62 23.98
CA GLU E 78 -3.22 -13.48 23.06
C GLU E 78 -4.61 -12.87 23.20
N GLU E 79 -4.66 -11.60 23.56
CA GLU E 79 -5.95 -11.00 23.86
C GLU E 79 -6.66 -10.50 22.60
N TRP E 80 -5.90 -10.13 21.57
CA TRP E 80 -6.52 -9.62 20.36
C TRP E 80 -5.61 -9.78 19.13
N ASP F 4 -1.22 15.43 5.00
CA ASP F 4 -2.10 14.27 4.90
C ASP F 4 -3.10 14.44 3.75
N TYR F 5 -2.73 15.22 2.75
CA TYR F 5 -3.59 15.40 1.60
C TYR F 5 -3.83 14.07 0.89
N VAL F 6 -5.07 13.81 0.51
CA VAL F 6 -5.41 12.70 -0.36
C VAL F 6 -6.10 13.24 -1.61
N PRO F 7 -5.51 13.08 -2.80
CA PRO F 7 -6.16 13.60 -4.01
C PRO F 7 -7.56 13.04 -4.20
N ASP F 8 -8.47 13.87 -4.68
CA ASP F 8 -9.80 13.41 -5.05
C ASP F 8 -10.04 13.64 -6.54
N ALA F 9 -11.04 12.93 -7.07
CA ALA F 9 -11.41 13.08 -8.47
C ALA F 9 -11.80 14.52 -8.78
N GLY F 10 -11.31 15.03 -9.90
CA GLY F 10 -11.53 16.42 -10.27
C GLY F 10 -10.46 17.36 -9.77
N HIS F 11 -9.63 16.93 -8.82
CA HIS F 11 -8.50 17.73 -8.38
C HIS F 11 -7.47 17.82 -9.49
N LEU F 12 -6.90 19.02 -9.65
CA LEU F 12 -5.66 19.22 -10.39
C LEU F 12 -4.53 19.24 -9.38
N VAL F 13 -3.51 18.41 -9.61
CA VAL F 13 -2.44 18.22 -8.65
C VAL F 13 -1.11 18.42 -9.33
N TRP F 14 -0.10 18.75 -8.51
CA TRP F 14 1.29 18.73 -8.91
C TRP F 14 1.91 17.38 -8.57
N LEU F 15 2.54 16.74 -9.54
CA LEU F 15 3.28 15.50 -9.32
C LEU F 15 4.75 15.75 -9.56
N ASN F 16 5.58 15.37 -8.60
CA ASN F 16 7.01 15.67 -8.66
C ASN F 16 7.75 14.40 -9.11
N PHE F 17 7.84 14.23 -10.42
CA PHE F 17 8.60 13.13 -11.01
C PHE F 17 10.11 13.39 -10.88
N THR F 18 10.88 12.30 -10.98
CA THR F 18 12.26 12.26 -10.47
C THR F 18 13.14 13.44 -10.85
N PRO F 19 13.14 13.96 -12.11
CA PRO F 19 13.97 15.16 -12.36
C PRO F 19 13.40 16.38 -11.66
N GLN F 20 13.72 16.52 -10.36
CA GLN F 20 13.24 17.67 -9.60
C GLN F 20 13.87 18.97 -10.10
N ALA F 21 15.13 18.93 -10.49
CA ALA F 21 15.83 20.13 -10.95
C ALA F 21 15.33 20.57 -12.33
N GLY F 22 15.46 21.87 -12.60
CA GLY F 22 15.07 22.45 -13.87
C GLY F 22 13.68 23.05 -13.91
N HIS F 23 12.96 23.04 -12.78
CA HIS F 23 11.59 23.55 -12.69
C HIS F 23 10.71 23.01 -13.81
N GLU F 24 10.10 23.92 -14.59
CA GLU F 24 9.22 23.53 -15.68
C GLU F 24 9.92 22.71 -16.77
N GLN F 25 11.26 22.70 -16.80
CA GLN F 25 11.99 21.80 -17.69
C GLN F 25 12.19 20.41 -17.10
N GLY F 26 11.91 20.25 -15.80
CA GLY F 26 12.06 19.00 -15.11
C GLY F 26 10.77 18.21 -15.02
N GLY F 27 10.72 17.30 -14.05
CA GLY F 27 9.64 16.35 -13.93
C GLY F 27 8.43 16.78 -13.12
N ARG F 28 8.39 18.01 -12.61
CA ARG F 28 7.23 18.47 -11.84
C ARG F 28 6.10 18.83 -12.79
N ARG F 29 5.07 17.96 -12.86
CA ARG F 29 3.98 17.99 -13.83
C ARG F 29 2.63 18.18 -13.15
N PRO F 30 1.74 18.97 -13.75
CA PRO F 30 0.36 18.99 -13.29
C PRO F 30 -0.45 17.88 -13.94
N ALA F 31 -1.49 17.45 -13.25
CA ALA F 31 -2.28 16.33 -13.72
C ALA F 31 -3.68 16.44 -13.15
N LEU F 32 -4.65 15.86 -13.86
CA LEU F 32 -6.03 15.83 -13.43
C LEU F 32 -6.33 14.44 -12.88
N VAL F 33 -6.82 14.38 -11.65
CA VAL F 33 -7.11 13.12 -10.99
C VAL F 33 -8.50 12.65 -11.40
N LEU F 34 -8.61 11.39 -11.80
CA LEU F 34 -9.91 10.84 -12.17
C LEU F 34 -10.49 9.89 -11.13
N SER F 35 -9.65 9.17 -10.39
CA SER F 35 -10.14 8.20 -9.43
C SER F 35 -10.49 8.89 -8.11
N PRO F 36 -11.41 8.34 -7.33
CA PRO F 36 -11.82 8.99 -6.09
C PRO F 36 -10.87 8.75 -4.93
N ALA F 37 -10.95 9.65 -3.94
CA ALA F 37 -10.09 9.60 -2.77
C ALA F 37 -10.23 8.26 -2.02
N ALA F 38 -11.42 7.66 -2.03
CA ALA F 38 -11.63 6.39 -1.34
C ALA F 38 -10.75 5.28 -1.89
N TYR F 39 -10.33 5.39 -3.14
CA TYR F 39 -9.35 4.48 -3.74
C TYR F 39 -7.94 5.03 -3.61
N ASN F 40 -7.76 6.32 -3.93
CA ASN F 40 -6.43 6.92 -3.93
C ASN F 40 -5.76 6.81 -2.57
N GLY F 41 -6.51 7.07 -1.50
CA GLY F 41 -5.94 7.06 -0.17
C GLY F 41 -5.59 5.68 0.31
N VAL F 42 -6.35 4.67 -0.10
CA VAL F 42 -6.05 3.31 0.32
C VAL F 42 -4.84 2.76 -0.43
N THR F 43 -4.85 2.89 -1.75
CA THR F 43 -3.83 2.24 -2.55
C THR F 43 -2.53 3.05 -2.63
N GLY F 44 -2.59 4.36 -2.38
CA GLY F 44 -1.45 5.20 -2.70
C GLY F 44 -1.27 5.44 -4.20
N LEU F 45 -2.18 4.94 -5.01
CA LEU F 45 -2.19 5.06 -6.46
C LEU F 45 -3.36 5.92 -6.88
N MET F 46 -3.32 6.33 -8.14
CA MET F 46 -4.44 7.06 -8.70
C MET F 46 -4.42 6.90 -10.21
N GLN F 47 -5.57 7.16 -10.81
CA GLN F 47 -5.67 7.28 -12.25
C GLN F 47 -5.74 8.77 -12.54
N ALA F 48 -4.75 9.27 -13.29
CA ALA F 48 -4.67 10.69 -13.59
C ALA F 48 -4.23 10.89 -15.03
N CYS F 49 -4.62 12.03 -15.60
CA CYS F 49 -4.24 12.44 -16.93
C CYS F 49 -3.31 13.63 -16.86
N PRO F 50 -2.27 13.67 -17.70
CA PRO F 50 -1.32 14.77 -17.63
C PRO F 50 -1.87 16.03 -18.27
N VAL F 51 -1.41 17.18 -17.77
CA VAL F 51 -1.75 18.48 -18.32
C VAL F 51 -0.51 19.02 -19.02
N THR F 52 -0.65 19.43 -20.27
CA THR F 52 0.45 20.03 -21.00
C THR F 52 0.08 21.47 -21.34
N SER F 53 1.11 22.31 -21.50
CA SER F 53 0.84 23.74 -21.63
C SER F 53 0.29 24.08 -23.02
N ARG F 54 0.58 23.28 -24.02
CA ARG F 54 0.31 23.64 -25.41
C ARG F 54 -0.62 22.64 -26.08
N ALA F 55 -1.66 23.16 -26.73
CA ALA F 55 -2.64 22.35 -27.44
C ALA F 55 -2.37 22.42 -28.94
N LYS F 56 -2.20 21.26 -29.57
CA LYS F 56 -2.11 21.23 -31.02
C LYS F 56 -3.31 20.55 -31.68
N GLY F 57 -4.47 20.62 -31.02
CA GLY F 57 -5.73 20.26 -31.65
C GLY F 57 -6.04 18.79 -31.80
N TYR F 58 -5.35 17.91 -31.08
CA TYR F 58 -5.59 16.48 -31.21
C TYR F 58 -6.94 16.12 -30.58
N PRO F 59 -7.57 15.04 -31.06
CA PRO F 59 -8.97 14.75 -30.64
C PRO F 59 -9.14 14.36 -29.17
N PHE F 60 -8.10 13.97 -28.44
CA PHE F 60 -8.24 13.60 -27.04
C PHE F 60 -7.78 14.69 -26.08
N GLU F 61 -7.53 15.90 -26.59
CA GLU F 61 -7.21 17.03 -25.73
C GLU F 61 -8.50 17.59 -25.14
N VAL F 62 -8.42 18.04 -23.89
CA VAL F 62 -9.51 18.74 -23.24
C VAL F 62 -8.91 20.02 -22.71
N THR F 63 -9.37 21.16 -23.23
CA THR F 63 -8.79 22.44 -22.84
C THR F 63 -9.29 22.85 -21.45
N LEU F 64 -8.38 23.34 -20.63
CA LEU F 64 -8.75 23.88 -19.32
C LEU F 64 -9.27 25.30 -19.48
N PRO F 65 -10.36 25.65 -18.81
CA PRO F 65 -10.81 27.05 -18.78
C PRO F 65 -9.83 27.91 -18.03
N ALA F 66 -9.98 29.22 -18.20
CA ALA F 66 -9.01 30.14 -17.64
C ALA F 66 -9.20 30.30 -16.13
N HIS F 67 -8.15 30.82 -15.49
CA HIS F 67 -8.18 31.28 -14.10
C HIS F 67 -8.25 30.15 -13.09
N LEU F 68 -7.96 28.92 -13.52
CA LEU F 68 -7.92 27.80 -12.58
C LEU F 68 -6.68 27.84 -11.69
N GLY F 69 -5.63 28.54 -12.12
CA GLY F 69 -4.33 28.45 -11.48
C GLY F 69 -3.36 27.57 -12.23
N VAL F 70 -3.81 26.89 -13.27
CA VAL F 70 -2.96 26.18 -14.20
C VAL F 70 -3.64 26.22 -15.56
N SER F 71 -2.84 26.34 -16.61
CA SER F 71 -3.34 26.47 -17.97
C SER F 71 -2.82 25.32 -18.81
N GLY F 72 -3.50 25.08 -19.93
CA GLY F 72 -3.11 24.04 -20.84
C GLY F 72 -4.25 23.11 -21.21
N VAL F 73 -3.92 21.88 -21.61
CA VAL F 73 -4.88 20.88 -22.03
C VAL F 73 -4.66 19.62 -21.24
N VAL F 74 -5.75 18.94 -20.90
CA VAL F 74 -5.68 17.59 -20.34
C VAL F 74 -5.54 16.62 -21.51
N LEU F 75 -4.48 15.81 -21.49
CA LEU F 75 -4.31 14.79 -22.53
C LEU F 75 -5.02 13.53 -22.06
N ALA F 76 -6.29 13.40 -22.44
CA ALA F 76 -7.09 12.31 -21.88
C ALA F 76 -6.56 10.93 -22.31
N ASP F 77 -5.94 10.83 -23.50
CA ASP F 77 -5.47 9.53 -23.94
C ASP F 77 -4.19 9.08 -23.24
N HIS F 78 -3.56 9.95 -22.45
CA HIS F 78 -2.36 9.58 -21.71
C HIS F 78 -2.65 9.29 -20.24
N CYS F 79 -3.91 9.08 -19.89
CA CYS F 79 -4.27 8.71 -18.52
C CYS F 79 -3.50 7.47 -18.10
N ARG F 80 -3.12 7.43 -16.81
CA ARG F 80 -2.26 6.35 -16.39
C ARG F 80 -2.43 6.10 -14.89
N SER F 81 -2.35 4.84 -14.50
CA SER F 81 -2.23 4.49 -13.08
C SER F 81 -0.85 4.89 -12.58
N LEU F 82 -0.79 5.55 -11.43
CA LEU F 82 0.51 5.94 -10.91
C LEU F 82 0.48 6.06 -9.40
N ASP F 83 1.68 5.92 -8.82
CA ASP F 83 1.95 6.11 -7.41
C ASP F 83 2.08 7.60 -7.12
N TRP F 84 1.07 8.18 -6.47
CA TRP F 84 1.11 9.61 -6.17
C TRP F 84 1.79 9.93 -4.85
N ARG F 85 1.92 8.94 -3.97
CA ARG F 85 2.59 9.18 -2.69
C ARG F 85 4.07 9.44 -2.87
N SER F 86 4.75 8.63 -3.70
CA SER F 86 6.17 8.82 -3.96
C SER F 86 6.46 10.12 -4.70
N ARG F 87 5.48 10.63 -5.42
CA ARG F 87 5.64 11.83 -6.20
C ARG F 87 5.14 13.06 -5.47
N ARG F 88 4.90 12.95 -4.17
CA ARG F 88 4.62 14.10 -3.32
C ARG F 88 3.53 14.99 -3.93
N ALA F 89 2.40 14.37 -4.23
CA ALA F 89 1.29 15.09 -4.85
C ALA F 89 0.86 16.26 -3.99
N GLU F 90 0.60 17.39 -4.64
CA GLU F 90 0.16 18.60 -3.96
C GLU F 90 -0.99 19.19 -4.76
N GLN F 91 -2.05 19.59 -4.09
CA GLN F 91 -3.18 20.10 -4.85
C GLN F 91 -2.86 21.44 -5.47
N LEU F 92 -3.36 21.63 -6.69
CA LEU F 92 -3.17 22.83 -7.48
C LEU F 92 -4.46 23.62 -7.62
N ALA F 93 -5.56 22.94 -7.89
CA ALA F 93 -6.82 23.56 -8.27
C ALA F 93 -7.88 22.47 -8.31
N GLU F 94 -9.10 22.85 -8.66
CA GLU F 94 -10.18 21.92 -8.90
C GLU F 94 -10.67 22.12 -10.33
N ALA F 95 -10.71 21.04 -11.10
CA ALA F 95 -11.27 21.18 -12.43
C ALA F 95 -12.79 21.26 -12.36
N PRO F 96 -13.42 22.11 -13.18
CA PRO F 96 -14.88 22.13 -13.20
C PRO F 96 -15.44 20.80 -13.68
N ALA F 97 -16.67 20.50 -13.22
CA ALA F 97 -17.26 19.19 -13.49
C ALA F 97 -17.34 18.90 -14.99
N ASP F 98 -17.51 19.94 -15.83
CA ASP F 98 -17.65 19.69 -17.26
C ASP F 98 -16.32 19.29 -17.90
N VAL F 99 -15.19 19.73 -17.33
CA VAL F 99 -13.90 19.25 -17.78
C VAL F 99 -13.75 17.78 -17.41
N LEU F 100 -14.12 17.43 -16.17
CA LEU F 100 -13.98 16.06 -15.70
C LEU F 100 -14.89 15.12 -16.47
N ALA F 101 -16.08 15.58 -16.82
CA ALA F 101 -16.99 14.73 -17.59
C ALA F 101 -16.51 14.58 -19.02
N GLU F 102 -15.91 15.63 -19.59
CA GLU F 102 -15.40 15.52 -20.96
C GLU F 102 -14.15 14.65 -21.04
N VAL F 103 -13.26 14.74 -20.04
CA VAL F 103 -12.12 13.84 -20.00
C VAL F 103 -12.58 12.39 -19.87
N ARG F 104 -13.54 12.13 -18.97
CA ARG F 104 -14.08 10.78 -18.80
C ARG F 104 -14.73 10.27 -20.08
N GLY F 105 -15.49 11.13 -20.76
CA GLY F 105 -16.11 10.70 -22.01
C GLY F 105 -15.09 10.34 -23.07
N LYS F 106 -14.01 11.13 -23.17
CA LYS F 106 -13.01 10.83 -24.17
C LYS F 106 -12.20 9.59 -23.82
N LEU F 107 -11.83 9.44 -22.55
CA LEU F 107 -11.05 8.28 -22.16
C LEU F 107 -11.90 7.02 -22.26
N GLY F 108 -13.17 7.11 -21.86
CA GLY F 108 -14.07 5.97 -21.98
C GLY F 108 -14.19 5.49 -23.42
N SER F 109 -14.25 6.42 -24.36
CA SER F 109 -14.27 6.06 -25.76
C SER F 109 -12.96 5.41 -26.19
N LEU F 110 -11.83 5.93 -25.71
CA LEU F 110 -10.55 5.32 -26.06
C LEU F 110 -10.44 3.91 -25.50
N LEU F 111 -10.97 3.67 -24.30
CA LEU F 111 -10.85 2.37 -23.64
C LEU F 111 -11.90 1.37 -24.09
N GLY F 112 -12.78 1.75 -25.02
CA GLY F 112 -13.82 0.85 -25.50
C GLY F 112 -14.97 0.63 -24.54
N MET F 113 -15.28 1.60 -23.69
CA MET F 113 -16.45 1.47 -22.81
C MET F 113 -17.71 1.98 -23.51
#